data_1SN5
#
_entry.id   1SN5
#
_cell.length_a   58.284
_cell.length_b   58.284
_cell.length_c   138.904
_cell.angle_alpha   90.00
_cell.angle_beta   90.00
_cell.angle_gamma   90.00
#
_symmetry.space_group_name_H-M   'P 41'
#
loop_
_entity.id
_entity.type
_entity.pdbx_description
1 polymer transthyretin
2 non-polymer 'SULFATE ION'
3 non-polymer "3,5,3'TRIIODOTHYRONINE"
4 water water
#
_entity_poly.entity_id   1
_entity_poly.type   'polypeptide(L)'
_entity_poly.pdbx_seq_one_letter_code
;TPTDKHGGSDTRCPLMVKILDAVKGTPAGSVALKVSQKTADGGWTQIATGVTDATGEIHNLITEQQFPAGVYRVEFDTKA
YWTNQGSTPFHEVAEVVFDAHPEGHRHYTLALLLSPFSYTTTAVVSSVHE
;
_entity_poly.pdbx_strand_id   A,B,C,D
#
# COMPACT_ATOMS: atom_id res chain seq x y z
N CYS A 13 -13.60 -9.59 20.37
CA CYS A 13 -13.96 -10.38 19.15
C CYS A 13 -12.66 -10.82 18.51
N PRO A 14 -12.60 -12.09 18.15
CA PRO A 14 -11.37 -12.64 17.59
C PRO A 14 -11.07 -12.14 16.18
N LEU A 15 -12.08 -11.67 15.46
CA LEU A 15 -11.89 -11.26 14.08
C LEU A 15 -12.58 -9.94 13.79
N MET A 16 -11.77 -8.92 13.57
CA MET A 16 -12.25 -7.58 13.31
C MET A 16 -11.76 -7.14 11.94
N VAL A 17 -12.44 -6.16 11.36
CA VAL A 17 -11.98 -5.57 10.11
C VAL A 17 -11.92 -4.05 10.27
N LYS A 18 -11.14 -3.41 9.42
CA LYS A 18 -11.05 -1.96 9.35
C LYS A 18 -10.78 -1.63 7.88
N ILE A 19 -11.82 -1.16 7.21
CA ILE A 19 -11.71 -0.86 5.79
C ILE A 19 -11.65 0.65 5.56
N LEU A 20 -10.65 1.09 4.79
CA LEU A 20 -10.52 2.50 4.44
C LEU A 20 -10.65 2.77 2.95
N ASP A 21 -11.28 3.90 2.64
CA ASP A 21 -11.42 4.36 1.27
C ASP A 21 -10.32 5.39 0.98
N ALA A 22 -9.38 4.99 0.11
CA ALA A 22 -8.20 5.82 -0.21
C ALA A 22 -8.51 6.95 -1.17
N VAL A 23 -9.74 6.98 -1.69
CA VAL A 23 -10.11 8.03 -2.61
C VAL A 23 -10.72 9.18 -1.82
N LYS A 24 -11.70 8.85 -0.97
CA LYS A 24 -12.43 9.82 -0.17
C LYS A 24 -11.76 10.19 1.15
N GLY A 25 -10.85 9.37 1.64
CA GLY A 25 -10.21 9.62 2.92
C GLY A 25 -11.16 9.43 4.09
N THR A 26 -11.98 8.40 4.02
CA THR A 26 -12.86 8.05 5.13
C THR A 26 -12.85 6.55 5.21
N PRO A 27 -13.38 5.98 6.27
CA PRO A 27 -13.54 4.53 6.33
C PRO A 27 -14.55 4.16 5.25
N ALA A 28 -14.48 2.93 4.76
CA ALA A 28 -15.38 2.44 3.75
C ALA A 28 -16.62 1.87 4.42
N GLY A 29 -17.74 2.61 4.35
CA GLY A 29 -18.98 2.15 4.91
C GLY A 29 -19.76 1.25 3.97
N SER A 30 -20.62 0.40 4.54
CA SER A 30 -21.50 -0.47 3.76
C SER A 30 -20.81 -1.45 2.83
N VAL A 31 -19.61 -1.89 3.21
CA VAL A 31 -18.94 -2.90 2.42
C VAL A 31 -19.43 -4.25 2.89
N ALA A 32 -19.94 -5.05 1.96
CA ALA A 32 -20.43 -6.37 2.32
C ALA A 32 -19.26 -7.35 2.40
N LEU A 33 -19.29 -8.22 3.40
CA LEU A 33 -18.29 -9.26 3.50
C LEU A 33 -18.85 -10.58 3.99
N LYS A 34 -18.06 -11.62 3.77
CA LYS A 34 -18.42 -12.96 4.22
C LYS A 34 -17.16 -13.68 4.70
N VAL A 35 -17.33 -14.48 5.74
CA VAL A 35 -16.23 -15.24 6.32
C VAL A 35 -16.52 -16.72 6.11
N SER A 36 -15.56 -17.44 5.53
CA SER A 36 -15.66 -18.87 5.30
C SER A 36 -14.49 -19.62 5.92
N GLN A 37 -14.76 -20.85 6.30
CA GLN A 37 -13.75 -21.70 6.88
C GLN A 37 -13.52 -22.89 5.95
N LYS A 38 -12.25 -23.20 5.73
CA LYS A 38 -11.88 -24.34 4.92
C LYS A 38 -12.29 -25.59 5.70
N THR A 39 -12.94 -26.55 5.04
CA THR A 39 -13.37 -27.78 5.70
C THR A 39 -12.34 -28.88 5.48
N ALA A 40 -12.53 -30.01 6.15
CA ALA A 40 -11.61 -31.14 6.06
C ALA A 40 -11.45 -31.64 4.62
N ASP A 41 -12.53 -31.59 3.83
CA ASP A 41 -12.46 -32.04 2.45
C ASP A 41 -11.90 -30.98 1.51
N GLY A 42 -11.47 -29.85 2.04
CA GLY A 42 -10.90 -28.80 1.21
C GLY A 42 -11.89 -27.79 0.68
N GLY A 43 -13.17 -27.96 1.00
CA GLY A 43 -14.17 -27.00 0.54
C GLY A 43 -14.25 -25.81 1.49
N TRP A 44 -15.19 -24.90 1.26
CA TRP A 44 -15.35 -23.73 2.09
C TRP A 44 -16.73 -23.71 2.71
N THR A 45 -16.81 -23.41 3.99
CA THR A 45 -18.12 -23.31 4.61
C THR A 45 -18.28 -21.90 5.17
N GLN A 46 -19.38 -21.25 4.78
CA GLN A 46 -19.63 -19.89 5.21
C GLN A 46 -20.09 -19.86 6.68
N ILE A 47 -19.40 -19.07 7.50
CA ILE A 47 -19.75 -19.02 8.92
C ILE A 47 -20.29 -17.69 9.38
N ALA A 48 -20.16 -16.66 8.56
CA ALA A 48 -20.66 -15.35 8.94
C ALA A 48 -20.69 -14.42 7.75
N THR A 49 -21.63 -13.49 7.77
CA THR A 49 -21.67 -12.43 6.79
C THR A 49 -21.91 -11.15 7.57
N GLY A 50 -21.73 -10.03 6.89
CA GLY A 50 -21.92 -8.75 7.52
C GLY A 50 -21.65 -7.60 6.56
N VAL A 51 -21.87 -6.39 7.05
CA VAL A 51 -21.68 -5.17 6.27
C VAL A 51 -21.01 -4.14 7.19
N THR A 52 -19.98 -3.45 6.70
CA THR A 52 -19.29 -2.50 7.58
C THR A 52 -20.18 -1.33 7.92
N ASP A 53 -19.96 -0.78 9.10
CA ASP A 53 -20.65 0.43 9.55
C ASP A 53 -19.87 1.64 9.04
N ALA A 54 -20.31 2.84 9.44
CA ALA A 54 -19.70 4.08 8.96
C ALA A 54 -18.23 4.22 9.38
N THR A 55 -17.80 3.44 10.38
CA THR A 55 -16.40 3.44 10.81
C THR A 55 -15.57 2.39 10.05
N GLY A 56 -16.18 1.73 9.08
CA GLY A 56 -15.48 0.72 8.30
C GLY A 56 -15.18 -0.56 9.09
N GLU A 57 -15.99 -0.80 10.13
CA GLU A 57 -15.84 -1.97 10.99
C GLU A 57 -17.11 -2.81 11.02
N ILE A 58 -16.99 -4.01 11.58
CA ILE A 58 -18.14 -4.88 11.79
C ILE A 58 -17.99 -5.42 13.19
N HIS A 59 -18.92 -5.08 14.08
CA HIS A 59 -18.80 -5.55 15.46
C HIS A 59 -19.46 -6.93 15.60
N ASN A 60 -18.91 -7.74 16.50
CA ASN A 60 -19.44 -9.07 16.79
C ASN A 60 -19.64 -9.94 15.54
N LEU A 61 -18.62 -9.96 14.67
CA LEU A 61 -18.66 -10.74 13.44
C LEU A 61 -18.81 -12.23 13.74
N ILE A 62 -17.93 -12.75 14.60
CA ILE A 62 -17.99 -14.14 15.06
C ILE A 62 -17.54 -14.19 16.51
N THR A 63 -17.76 -15.33 17.18
CA THR A 63 -17.32 -15.51 18.56
C THR A 63 -16.07 -16.38 18.58
N GLU A 64 -15.42 -16.43 19.73
CA GLU A 64 -14.24 -17.26 19.95
C GLU A 64 -14.53 -18.71 19.60
N GLN A 65 -15.70 -19.19 20.02
CA GLN A 65 -16.10 -20.57 19.77
C GLN A 65 -16.20 -20.88 18.28
N GLN A 66 -16.56 -19.88 17.49
CA GLN A 66 -16.70 -20.04 16.04
C GLN A 66 -15.36 -19.92 15.33
N PHE A 67 -14.29 -19.73 16.09
CA PHE A 67 -13.00 -19.43 15.49
C PHE A 67 -11.86 -20.33 15.96
N PRO A 68 -11.99 -21.63 15.73
CA PRO A 68 -10.90 -22.56 16.04
C PRO A 68 -9.78 -22.36 15.03
N ALA A 69 -8.57 -22.83 15.34
CA ALA A 69 -7.50 -22.73 14.37
C ALA A 69 -7.94 -23.39 13.06
N GLY A 70 -7.48 -22.86 11.94
CA GLY A 70 -7.82 -23.39 10.64
C GLY A 70 -7.65 -22.32 9.58
N VAL A 71 -7.94 -22.67 8.35
CA VAL A 71 -7.83 -21.68 7.26
C VAL A 71 -9.17 -20.97 7.05
N TYR A 72 -9.09 -19.63 7.03
CA TYR A 72 -10.24 -18.78 6.83
C TYR A 72 -10.06 -17.90 5.60
N ARG A 73 -11.19 -17.58 4.97
CA ARG A 73 -11.23 -16.73 3.80
C ARG A 73 -12.25 -15.65 4.07
N VAL A 74 -11.82 -14.39 4.07
CA VAL A 74 -12.72 -13.27 4.25
C VAL A 74 -12.80 -12.60 2.89
N GLU A 75 -14.02 -12.50 2.37
CA GLU A 75 -14.27 -11.97 1.03
C GLU A 75 -15.04 -10.67 1.16
N PHE A 76 -14.52 -9.60 0.55
CA PHE A 76 -15.12 -8.30 0.63
C PHE A 76 -15.67 -7.93 -0.74
N ASP A 77 -16.91 -7.45 -0.80
CA ASP A 77 -17.51 -7.10 -2.07
C ASP A 77 -17.11 -5.67 -2.45
N THR A 78 -15.83 -5.52 -2.80
CA THR A 78 -15.29 -4.21 -3.17
C THR A 78 -15.81 -3.78 -4.52
N LYS A 79 -16.15 -4.75 -5.37
CA LYS A 79 -16.66 -4.38 -6.68
C LYS A 79 -17.98 -3.60 -6.54
N ALA A 80 -18.86 -4.07 -5.65
CA ALA A 80 -20.15 -3.38 -5.44
C ALA A 80 -19.91 -2.03 -4.80
N TYR A 81 -18.95 -1.98 -3.87
CA TYR A 81 -18.60 -0.73 -3.22
C TYR A 81 -18.25 0.34 -4.24
N TRP A 82 -17.31 0.06 -5.15
CA TRP A 82 -16.89 1.04 -6.14
C TRP A 82 -17.96 1.40 -7.16
N THR A 83 -18.70 0.38 -7.56
CA THR A 83 -19.81 0.54 -8.50
C THR A 83 -20.81 1.52 -7.90
N ASN A 84 -21.15 1.33 -6.62
CA ASN A 84 -22.05 2.26 -5.90
C ASN A 84 -21.44 3.65 -5.76
N GLN A 85 -20.11 3.74 -5.79
CA GLN A 85 -19.42 5.03 -5.69
C GLN A 85 -19.41 5.75 -7.04
N GLY A 86 -19.86 5.07 -8.09
CA GLY A 86 -19.81 5.60 -9.44
C GLY A 86 -18.44 5.43 -10.09
N SER A 87 -17.65 4.52 -9.55
CA SER A 87 -16.30 4.32 -10.03
C SER A 87 -16.19 3.04 -10.84
N THR A 88 -15.04 2.83 -11.47
CA THR A 88 -14.80 1.64 -12.23
C THR A 88 -13.72 0.85 -11.51
N PRO A 89 -14.08 -0.28 -10.91
CA PRO A 89 -13.12 -1.08 -10.18
C PRO A 89 -12.45 -2.18 -11.00
N PHE A 90 -11.26 -2.57 -10.56
CA PHE A 90 -10.52 -3.66 -11.18
C PHE A 90 -10.90 -5.04 -10.63
N HIS A 91 -10.80 -5.21 -9.32
CA HIS A 91 -10.97 -6.53 -8.70
C HIS A 91 -12.43 -6.98 -8.64
N GLU A 92 -12.67 -8.27 -8.84
CA GLU A 92 -14.02 -8.81 -8.74
C GLU A 92 -14.46 -8.82 -7.27
N VAL A 93 -13.48 -9.01 -6.39
CA VAL A 93 -13.74 -9.16 -4.97
C VAL A 93 -12.38 -8.97 -4.31
N ALA A 94 -12.35 -8.67 -3.02
CA ALA A 94 -11.07 -8.61 -2.32
C ALA A 94 -11.03 -9.84 -1.42
N GLU A 95 -9.98 -10.65 -1.53
CA GLU A 95 -9.90 -11.86 -0.71
C GLU A 95 -8.70 -11.92 0.20
N VAL A 96 -8.95 -12.27 1.45
CA VAL A 96 -7.93 -12.35 2.49
C VAL A 96 -8.01 -13.75 3.05
N VAL A 97 -7.01 -14.56 2.76
CA VAL A 97 -7.03 -15.96 3.13
C VAL A 97 -5.86 -16.21 4.04
N PHE A 98 -6.12 -16.81 5.19
CA PHE A 98 -5.06 -16.97 6.19
C PHE A 98 -5.35 -18.14 7.13
N ASP A 99 -4.29 -18.72 7.65
CA ASP A 99 -4.39 -19.76 8.67
C ASP A 99 -4.49 -19.02 10.02
N ALA A 100 -5.64 -19.14 10.68
CA ALA A 100 -5.85 -18.48 11.95
C ALA A 100 -5.25 -19.30 13.08
N HIS A 101 -4.58 -18.61 13.99
CA HIS A 101 -4.02 -19.21 15.19
C HIS A 101 -4.52 -18.39 16.36
N PRO A 102 -5.69 -18.74 16.86
CA PRO A 102 -6.34 -17.98 17.92
C PRO A 102 -5.84 -18.32 19.31
N GLU A 103 -4.96 -19.31 19.41
CA GLU A 103 -4.49 -19.72 20.72
C GLU A 103 -3.79 -18.58 21.39
N GLY A 104 -3.86 -18.54 22.70
CA GLY A 104 -3.15 -17.52 23.44
C GLY A 104 -3.79 -16.15 23.27
N HIS A 105 -5.12 -16.14 23.25
CA HIS A 105 -5.95 -14.93 23.10
C HIS A 105 -5.42 -14.00 22.02
N ARG A 106 -5.04 -14.57 20.90
CA ARG A 106 -4.61 -13.78 19.76
C ARG A 106 -5.86 -13.37 18.99
N HIS A 107 -6.02 -12.08 18.74
CA HIS A 107 -7.15 -11.59 17.94
C HIS A 107 -6.60 -10.98 16.65
N TYR A 108 -7.42 -10.94 15.62
CA TYR A 108 -6.99 -10.49 14.30
C TYR A 108 -7.80 -9.27 13.85
N THR A 109 -7.11 -8.27 13.34
CA THR A 109 -7.76 -7.17 12.65
C THR A 109 -7.27 -7.17 11.22
N LEU A 110 -8.21 -7.32 10.30
CA LEU A 110 -7.91 -7.31 8.90
C LEU A 110 -8.09 -5.90 8.43
N ALA A 111 -6.97 -5.21 8.20
CA ALA A 111 -7.00 -3.85 7.68
C ALA A 111 -6.98 -3.92 6.16
N LEU A 112 -7.82 -3.10 5.53
CA LEU A 112 -7.98 -3.13 4.11
C LEU A 112 -8.05 -1.69 3.61
N LEU A 113 -7.13 -1.32 2.74
CA LEU A 113 -7.07 0.02 2.15
C LEU A 113 -7.53 -0.10 0.71
N LEU A 114 -8.61 0.59 0.34
CA LEU A 114 -9.22 0.41 -0.99
C LEU A 114 -9.09 1.59 -1.93
N SER A 115 -8.69 1.32 -3.17
CA SER A 115 -8.76 2.24 -4.30
C SER A 115 -9.36 1.42 -5.44
N PRO A 116 -9.97 2.05 -6.42
CA PRO A 116 -10.61 1.29 -7.49
C PRO A 116 -9.72 0.24 -8.16
N PHE A 117 -8.45 0.57 -8.36
CA PHE A 117 -7.54 -0.32 -9.06
C PHE A 117 -6.43 -0.86 -8.15
N SER A 118 -6.67 -0.82 -6.86
CA SER A 118 -5.70 -1.32 -5.91
C SER A 118 -6.27 -1.53 -4.51
N TYR A 119 -5.80 -2.58 -3.83
CA TYR A 119 -6.11 -2.71 -2.41
C TYR A 119 -4.92 -3.27 -1.69
N THR A 120 -4.84 -2.92 -0.42
CA THR A 120 -3.79 -3.39 0.45
C THR A 120 -4.45 -4.16 1.57
N THR A 121 -4.01 -5.41 1.77
CA THR A 121 -4.51 -6.20 2.85
C THR A 121 -3.37 -6.42 3.86
N THR A 122 -3.62 -5.94 5.08
CA THR A 122 -2.70 -6.05 6.17
C THR A 122 -3.44 -6.74 7.28
N ALA A 123 -2.69 -7.37 8.16
CA ALA A 123 -3.24 -8.00 9.34
C ALA A 123 -2.50 -7.49 10.57
N VAL A 124 -3.26 -7.27 11.64
CA VAL A 124 -2.69 -6.89 12.93
C VAL A 124 -3.08 -8.01 13.89
N VAL A 125 -2.08 -8.68 14.48
CA VAL A 125 -2.33 -9.80 15.38
C VAL A 125 -2.00 -9.56 16.85
N SER A 126 -1.80 -8.30 17.21
CA SER A 126 -1.71 -7.89 18.61
C SER A 126 -2.08 -6.42 18.60
N SER A 127 -2.53 -5.93 19.73
CA SER A 127 -2.88 -4.53 19.82
C SER A 127 -1.63 -3.70 20.18
N VAL A 128 -0.54 -4.39 20.54
CA VAL A 128 0.69 -3.71 20.95
C VAL A 128 1.96 -4.28 20.30
N HIS A 129 2.98 -3.42 20.19
CA HIS A 129 4.28 -3.81 19.62
C HIS A 129 5.10 -4.68 20.58
N GLU A 130 6.09 -5.40 20.02
CA GLU A 130 7.10 -6.19 20.74
C GLU A 130 8.17 -6.80 19.83
N CYS B 13 2.12 -10.20 -24.86
CA CYS B 13 1.59 -10.93 -23.67
C CYS B 13 0.53 -10.10 -22.96
N PRO B 14 -0.67 -10.64 -22.88
CA PRO B 14 -1.79 -9.89 -22.31
C PRO B 14 -1.81 -9.87 -20.80
N LEU B 15 -1.06 -10.76 -20.16
CA LEU B 15 -1.06 -10.84 -18.70
C LEU B 15 0.36 -10.91 -18.15
N MET B 16 0.81 -9.82 -17.54
CA MET B 16 2.12 -9.76 -16.92
C MET B 16 1.98 -9.59 -15.42
N VAL B 17 3.06 -9.88 -14.71
CA VAL B 17 3.10 -9.67 -13.29
C VAL B 17 4.43 -8.97 -12.92
N LYS B 18 4.41 -8.25 -11.81
CA LYS B 18 5.59 -7.60 -11.29
C LYS B 18 5.46 -7.64 -9.78
N ILE B 19 6.23 -8.53 -9.16
CA ILE B 19 6.19 -8.73 -7.74
C ILE B 19 7.46 -8.13 -7.12
N LEU B 20 7.25 -7.30 -6.09
CA LEU B 20 8.31 -6.68 -5.32
C LEU B 20 8.31 -7.13 -3.87
N ASP B 21 9.50 -7.20 -3.27
CA ASP B 21 9.66 -7.56 -1.87
C ASP B 21 9.96 -6.28 -1.12
N ALA B 22 9.02 -5.87 -0.28
CA ALA B 22 9.10 -4.60 0.45
C ALA B 22 10.07 -4.64 1.63
N VAL B 23 10.58 -5.82 1.95
CA VAL B 23 11.52 -5.97 3.05
C VAL B 23 12.94 -5.78 2.53
N LYS B 24 13.23 -6.41 1.40
CA LYS B 24 14.55 -6.38 0.82
C LYS B 24 14.79 -5.26 -0.17
N GLY B 25 13.73 -4.71 -0.72
CA GLY B 25 13.86 -3.71 -1.76
C GLY B 25 14.33 -4.30 -3.08
N THR B 26 13.87 -5.50 -3.39
CA THR B 26 14.19 -6.15 -4.66
C THR B 26 12.90 -6.75 -5.20
N PRO B 27 12.88 -7.11 -6.48
CA PRO B 27 11.75 -7.87 -7.00
C PRO B 27 11.73 -9.20 -6.27
N ALA B 28 10.59 -9.86 -6.26
CA ALA B 28 10.45 -11.13 -5.55
C ALA B 28 10.62 -12.26 -6.57
N GLY B 29 11.78 -12.92 -6.54
CA GLY B 29 12.08 -14.01 -7.44
C GLY B 29 11.57 -15.33 -6.90
N SER B 30 11.37 -16.28 -7.83
CA SER B 30 10.93 -17.64 -7.51
C SER B 30 9.59 -17.74 -6.78
N VAL B 31 8.69 -16.79 -7.07
CA VAL B 31 7.35 -16.87 -6.53
C VAL B 31 6.48 -17.69 -7.48
N ALA B 32 5.90 -18.78 -6.97
CA ALA B 32 5.04 -19.63 -7.79
C ALA B 32 3.65 -19.02 -7.96
N LEU B 33 3.10 -19.14 -9.16
CA LEU B 33 1.75 -18.66 -9.40
C LEU B 33 0.97 -19.57 -10.32
N LYS B 34 -0.34 -19.43 -10.23
CA LYS B 34 -1.27 -20.20 -11.03
C LYS B 34 -2.33 -19.23 -11.53
N VAL B 35 -2.68 -19.36 -12.80
CA VAL B 35 -3.73 -18.55 -13.41
C VAL B 35 -4.91 -19.47 -13.71
N SER B 36 -6.10 -19.09 -13.27
CA SER B 36 -7.30 -19.88 -13.52
C SER B 36 -8.36 -19.00 -14.14
N GLN B 37 -9.21 -19.59 -14.96
CA GLN B 37 -10.31 -18.86 -15.55
C GLN B 37 -11.60 -19.43 -14.98
N LYS B 38 -12.51 -18.54 -14.60
CA LYS B 38 -13.81 -18.91 -14.05
C LYS B 38 -14.65 -19.53 -15.15
N THR B 39 -15.31 -20.63 -14.83
CA THR B 39 -16.15 -21.30 -15.82
C THR B 39 -17.59 -20.83 -15.74
N ALA B 40 -18.38 -21.21 -16.74
CA ALA B 40 -19.79 -20.86 -16.80
C ALA B 40 -20.58 -21.29 -15.56
N ASP B 41 -20.13 -22.33 -14.88
CA ASP B 41 -20.88 -22.82 -13.72
C ASP B 41 -20.38 -22.22 -12.42
N GLY B 42 -19.40 -21.34 -12.50
CA GLY B 42 -18.87 -20.70 -11.32
C GLY B 42 -17.63 -21.39 -10.78
N GLY B 43 -17.14 -22.39 -11.51
CA GLY B 43 -15.93 -23.11 -11.12
C GLY B 43 -14.68 -22.47 -11.73
N TRP B 44 -13.57 -23.18 -11.68
CA TRP B 44 -12.30 -22.66 -12.16
C TRP B 44 -11.55 -23.69 -13.00
N THR B 45 -10.94 -23.21 -14.08
CA THR B 45 -10.08 -24.05 -14.88
C THR B 45 -8.68 -23.43 -14.96
N GLN B 46 -7.68 -24.27 -14.77
CA GLN B 46 -6.31 -23.78 -14.75
C GLN B 46 -5.82 -23.59 -16.18
N ILE B 47 -5.26 -22.42 -16.46
CA ILE B 47 -4.76 -22.17 -17.81
C ILE B 47 -3.24 -21.99 -17.88
N ALA B 48 -2.61 -21.69 -16.75
CA ALA B 48 -1.16 -21.51 -16.72
C ALA B 48 -0.63 -21.56 -15.30
N THR B 49 0.64 -21.94 -15.21
CA THR B 49 1.39 -21.86 -13.96
C THR B 49 2.74 -21.30 -14.34
N GLY B 50 3.43 -20.73 -13.37
CA GLY B 50 4.74 -20.19 -13.65
C GLY B 50 5.45 -19.85 -12.36
N VAL B 51 6.67 -19.38 -12.48
CA VAL B 51 7.42 -18.95 -11.32
C VAL B 51 8.15 -17.68 -11.75
N THR B 52 8.09 -16.63 -10.93
CA THR B 52 8.78 -15.40 -11.31
C THR B 52 10.27 -15.60 -11.39
N ASP B 53 10.89 -14.82 -12.28
CA ASP B 53 12.32 -14.79 -12.42
C ASP B 53 12.86 -13.75 -11.43
N ALA B 54 14.15 -13.45 -11.56
CA ALA B 54 14.82 -12.52 -10.65
C ALA B 54 14.30 -11.09 -10.76
N THR B 55 13.55 -10.78 -11.81
CA THR B 55 13.02 -9.43 -11.94
C THR B 55 11.60 -9.38 -11.41
N GLY B 56 11.13 -10.50 -10.86
CA GLY B 56 9.78 -10.59 -10.31
C GLY B 56 8.73 -10.66 -11.38
N GLU B 57 9.11 -11.14 -12.56
CA GLU B 57 8.20 -11.24 -13.68
C GLU B 57 8.12 -12.66 -14.22
N ILE B 58 7.13 -12.90 -15.07
CA ILE B 58 6.99 -14.17 -15.76
C ILE B 58 6.75 -13.87 -17.22
N HIS B 59 7.63 -14.33 -18.07
CA HIS B 59 7.47 -14.04 -19.48
C HIS B 59 6.68 -15.13 -20.19
N ASN B 60 5.89 -14.70 -21.17
CA ASN B 60 5.08 -15.62 -21.98
C ASN B 60 4.19 -16.50 -21.12
N LEU B 61 3.54 -15.89 -20.14
CA LEU B 61 2.67 -16.63 -19.23
C LEU B 61 1.50 -17.26 -20.01
N ILE B 62 0.86 -16.46 -20.85
CA ILE B 62 -0.23 -16.98 -21.68
C ILE B 62 -0.24 -16.19 -22.98
N THR B 63 -1.01 -16.66 -23.96
CA THR B 63 -1.14 -15.96 -25.24
C THR B 63 -2.45 -15.18 -25.24
N GLU B 64 -2.59 -14.28 -26.21
CA GLU B 64 -3.82 -13.51 -26.34
C GLU B 64 -4.99 -14.43 -26.62
N GLN B 65 -4.74 -15.49 -27.39
CA GLN B 65 -5.78 -16.45 -27.73
C GLN B 65 -6.29 -17.17 -26.47
N GLN B 66 -5.41 -17.35 -25.48
CA GLN B 66 -5.80 -17.99 -24.22
C GLN B 66 -6.38 -17.00 -23.22
N PHE B 67 -6.60 -15.75 -23.61
CA PHE B 67 -7.03 -14.73 -22.64
C PHE B 67 -8.26 -13.93 -23.12
N PRO B 68 -9.36 -14.60 -23.36
CA PRO B 68 -10.58 -13.89 -23.73
C PRO B 68 -11.15 -13.17 -22.52
N ALA B 69 -12.08 -12.26 -22.74
CA ALA B 69 -12.74 -11.58 -21.64
C ALA B 69 -13.31 -12.63 -20.70
N GLY B 70 -13.28 -12.32 -19.42
CA GLY B 70 -13.83 -13.21 -18.41
C GLY B 70 -13.17 -12.98 -17.08
N VAL B 71 -13.64 -13.69 -16.06
CA VAL B 71 -13.09 -13.57 -14.72
C VAL B 71 -11.91 -14.52 -14.58
N TYR B 72 -10.80 -13.96 -14.13
CA TYR B 72 -9.59 -14.74 -13.86
C TYR B 72 -9.17 -14.63 -12.40
N ARG B 73 -8.49 -15.66 -11.92
CA ARG B 73 -7.92 -15.69 -10.59
C ARG B 73 -6.43 -16.02 -10.74
N VAL B 74 -5.57 -15.15 -10.21
CA VAL B 74 -4.15 -15.46 -10.18
C VAL B 74 -3.80 -15.66 -8.72
N GLU B 75 -3.34 -16.87 -8.39
CA GLU B 75 -2.95 -17.24 -7.03
C GLU B 75 -1.44 -17.22 -6.95
N PHE B 76 -0.89 -16.48 -5.98
CA PHE B 76 0.55 -16.37 -5.78
C PHE B 76 0.90 -17.07 -4.48
N ASP B 77 1.94 -17.91 -4.53
CA ASP B 77 2.33 -18.67 -3.36
C ASP B 77 3.26 -17.83 -2.50
N THR B 78 2.69 -16.79 -1.91
CA THR B 78 3.48 -15.89 -1.08
C THR B 78 3.87 -16.56 0.25
N LYS B 79 3.08 -17.51 0.73
CA LYS B 79 3.43 -18.20 1.99
C LYS B 79 4.78 -18.91 1.87
N ALA B 80 4.98 -19.61 0.75
CA ALA B 80 6.24 -20.33 0.48
C ALA B 80 7.38 -19.34 0.28
N TYR B 81 7.09 -18.21 -0.37
CA TYR B 81 8.09 -17.18 -0.56
C TYR B 81 8.66 -16.72 0.77
N TRP B 82 7.78 -16.37 1.71
CA TRP B 82 8.23 -15.89 3.04
C TRP B 82 8.86 -16.99 3.90
N THR B 83 8.27 -18.18 3.87
CA THR B 83 8.80 -19.33 4.60
C THR B 83 10.24 -19.54 4.19
N ASN B 84 10.47 -19.56 2.88
CA ASN B 84 11.80 -19.72 2.32
C ASN B 84 12.74 -18.56 2.71
N GLN B 85 12.18 -17.37 2.91
CA GLN B 85 12.96 -16.19 3.33
C GLN B 85 13.35 -16.30 4.81
N GLY B 86 12.71 -17.21 5.54
CA GLY B 86 12.99 -17.37 6.95
C GLY B 86 12.09 -16.44 7.76
N SER B 87 11.01 -15.98 7.15
CA SER B 87 10.09 -15.07 7.83
C SER B 87 8.81 -15.77 8.23
N THR B 88 7.93 -15.04 8.88
CA THR B 88 6.64 -15.56 9.24
C THR B 88 5.55 -14.78 8.49
N PRO B 89 4.88 -15.43 7.52
CA PRO B 89 3.84 -14.76 6.73
C PRO B 89 2.48 -14.87 7.37
N PHE B 90 1.64 -13.90 7.09
CA PHE B 90 0.26 -13.94 7.52
C PHE B 90 -0.62 -14.73 6.55
N HIS B 91 -0.60 -14.33 5.27
CA HIS B 91 -1.51 -14.89 4.30
C HIS B 91 -1.15 -16.31 3.86
N GLU B 92 -2.18 -17.11 3.68
CA GLU B 92 -2.01 -18.48 3.25
C GLU B 92 -1.67 -18.52 1.74
N VAL B 93 -2.11 -17.49 1.03
CA VAL B 93 -1.92 -17.33 -0.40
C VAL B 93 -2.32 -15.90 -0.72
N ALA B 94 -1.86 -15.37 -1.85
CA ALA B 94 -2.33 -14.07 -2.34
C ALA B 94 -3.08 -14.29 -3.64
N GLU B 95 -4.35 -13.90 -3.66
CA GLU B 95 -5.21 -14.09 -4.81
C GLU B 95 -5.69 -12.80 -5.40
N VAL B 96 -5.59 -12.70 -6.71
CA VAL B 96 -6.03 -11.54 -7.41
C VAL B 96 -7.11 -12.01 -8.37
N VAL B 97 -8.32 -11.54 -8.16
CA VAL B 97 -9.48 -11.99 -8.93
C VAL B 97 -10.06 -10.78 -9.66
N PHE B 98 -10.20 -10.88 -10.97
CA PHE B 98 -10.65 -9.74 -11.77
C PHE B 98 -11.33 -10.19 -13.05
N ASP B 99 -12.24 -9.34 -13.53
CA ASP B 99 -12.89 -9.55 -14.82
C ASP B 99 -11.97 -8.84 -15.82
N ALA B 100 -11.41 -9.61 -16.72
CA ALA B 100 -10.47 -9.10 -17.71
C ALA B 100 -11.19 -8.62 -18.96
N HIS B 101 -10.81 -7.43 -19.44
CA HIS B 101 -11.34 -6.87 -20.68
C HIS B 101 -10.18 -6.50 -21.59
N PRO B 102 -9.73 -7.48 -22.31
CA PRO B 102 -8.57 -7.35 -23.18
C PRO B 102 -8.88 -6.75 -24.54
N GLU B 103 -10.16 -6.58 -24.87
CA GLU B 103 -10.51 -6.08 -26.19
C GLU B 103 -9.83 -4.75 -26.46
N GLY B 104 -9.45 -4.56 -27.71
CA GLY B 104 -8.76 -3.35 -28.11
C GLY B 104 -7.32 -3.40 -27.65
N HIS B 105 -6.72 -4.58 -27.69
CA HIS B 105 -5.32 -4.80 -27.34
C HIS B 105 -4.96 -4.17 -25.97
N ARG B 106 -5.75 -4.49 -24.96
CA ARG B 106 -5.45 -4.02 -23.60
C ARG B 106 -4.69 -5.14 -22.91
N HIS B 107 -3.56 -4.80 -22.30
CA HIS B 107 -2.78 -5.78 -21.57
C HIS B 107 -2.82 -5.41 -20.10
N TYR B 108 -2.66 -6.41 -19.26
CA TYR B 108 -2.71 -6.24 -17.83
C TYR B 108 -1.38 -6.54 -17.22
N THR B 109 -0.98 -5.73 -16.24
CA THR B 109 0.16 -6.06 -15.40
C THR B 109 -0.35 -6.08 -13.95
N LEU B 110 -0.21 -7.23 -13.30
CA LEU B 110 -0.58 -7.38 -11.91
C LEU B 110 0.64 -7.06 -11.06
N ALA B 111 0.61 -5.89 -10.42
CA ALA B 111 1.70 -5.50 -9.54
C ALA B 111 1.33 -5.96 -8.14
N LEU B 112 2.31 -6.51 -7.45
CA LEU B 112 2.08 -7.10 -6.16
C LEU B 112 3.22 -6.64 -5.29
N LEU B 113 2.90 -6.02 -4.16
CA LEU B 113 3.92 -5.53 -3.23
C LEU B 113 3.85 -6.35 -1.95
N LEU B 114 4.89 -7.14 -1.67
CA LEU B 114 4.84 -8.09 -0.56
C LEU B 114 5.63 -7.73 0.68
N SER B 115 4.93 -7.80 1.81
CA SER B 115 5.54 -7.79 3.13
C SER B 115 4.95 -9.02 3.84
N PRO B 116 5.62 -9.52 4.87
CA PRO B 116 5.13 -10.70 5.58
C PRO B 116 3.67 -10.59 6.04
N PHE B 117 3.27 -9.45 6.59
CA PHE B 117 1.91 -9.29 7.09
C PHE B 117 1.06 -8.30 6.31
N SER B 118 1.44 -8.07 5.06
CA SER B 118 0.71 -7.15 4.22
C SER B 118 1.10 -7.31 2.75
N TYR B 119 0.12 -7.21 1.84
CA TYR B 119 0.45 -7.08 0.43
C TYR B 119 -0.48 -6.11 -0.27
N THR B 120 0.03 -5.52 -1.33
CA THR B 120 -0.75 -4.60 -2.14
C THR B 120 -0.86 -5.19 -3.50
N THR B 121 -2.10 -5.29 -3.97
CA THR B 121 -2.38 -5.79 -5.31
C THR B 121 -2.94 -4.63 -6.11
N THR B 122 -2.27 -4.30 -7.20
CA THR B 122 -2.65 -3.21 -8.07
C THR B 122 -2.63 -3.76 -9.49
N ALA B 123 -3.38 -3.12 -10.35
CA ALA B 123 -3.41 -3.50 -11.75
C ALA B 123 -3.10 -2.27 -12.59
N VAL B 124 -2.32 -2.50 -13.63
CA VAL B 124 -2.04 -1.48 -14.62
C VAL B 124 -2.56 -2.00 -15.96
N VAL B 125 -3.42 -1.22 -16.57
CA VAL B 125 -3.98 -1.60 -17.84
C VAL B 125 -3.42 -0.65 -18.91
N SER B 126 -2.72 -1.19 -19.88
CA SER B 126 -2.15 -0.34 -20.92
C SER B 126 -2.61 -0.82 -22.28
N SER B 127 -2.58 0.12 -23.23
CA SER B 127 -2.96 -0.17 -24.59
C SER B 127 -1.74 -0.67 -25.34
N VAL B 128 -0.59 -0.59 -24.67
CA VAL B 128 0.67 -1.05 -25.23
C VAL B 128 0.86 -0.52 -26.64
N PRO C 14 -7.50 16.38 17.47
CA PRO C 14 -7.85 16.61 16.04
C PRO C 14 -6.90 15.88 15.10
N LEU C 15 -5.64 15.74 15.50
CA LEU C 15 -4.67 14.95 14.79
C LEU C 15 -4.23 13.70 15.55
N MET C 16 -4.52 12.54 14.99
CA MET C 16 -4.12 11.26 15.56
C MET C 16 -3.26 10.53 14.54
N VAL C 17 -2.50 9.53 14.98
CA VAL C 17 -1.74 8.71 14.04
C VAL C 17 -1.93 7.25 14.41
N LYS C 18 -1.70 6.38 13.45
CA LYS C 18 -1.78 4.94 13.66
C LYS C 18 -0.72 4.32 12.77
N ILE C 19 0.38 3.89 13.37
CA ILE C 19 1.47 3.31 12.62
C ILE C 19 1.53 1.80 12.80
N LEU C 20 1.50 1.08 11.69
CA LEU C 20 1.57 -0.37 11.70
C LEU C 20 2.86 -0.87 11.11
N ASP C 21 3.36 -1.98 11.65
CA ASP C 21 4.55 -2.64 11.16
C ASP C 21 4.07 -3.81 10.28
N ALA C 22 4.29 -3.70 8.97
CA ALA C 22 3.86 -4.68 7.96
C ALA C 22 4.69 -5.96 7.97
N VAL C 23 5.82 -5.94 8.65
CA VAL C 23 6.63 -7.14 8.82
C VAL C 23 6.11 -7.99 9.98
N LYS C 24 5.86 -7.35 11.12
CA LYS C 24 5.43 -8.05 12.32
C LYS C 24 3.93 -8.19 12.52
N GLY C 25 3.10 -7.45 11.79
CA GLY C 25 1.66 -7.51 12.03
C GLY C 25 1.28 -6.94 13.38
N THR C 26 2.04 -5.95 13.85
CA THR C 26 1.67 -5.23 15.05
C THR C 26 1.86 -3.75 14.77
N PRO C 27 1.33 -2.92 15.65
CA PRO C 27 1.58 -1.49 15.56
C PRO C 27 3.06 -1.21 15.75
N ALA C 28 3.50 -0.07 15.26
CA ALA C 28 4.89 0.32 15.38
C ALA C 28 5.02 1.21 16.60
N GLY C 29 5.60 0.64 17.65
CA GLY C 29 5.75 1.36 18.89
C GLY C 29 7.06 2.11 18.94
N SER C 30 7.07 3.16 19.75
CA SER C 30 8.28 3.99 19.94
C SER C 30 8.77 4.67 18.68
N VAL C 31 7.87 5.12 17.83
CA VAL C 31 8.28 5.84 16.64
C VAL C 31 8.24 7.33 16.98
N ALA C 32 9.39 7.99 16.90
CA ALA C 32 9.50 9.40 17.20
C ALA C 32 8.90 10.21 16.05
N LEU C 33 8.13 11.26 16.36
CA LEU C 33 7.58 12.13 15.33
C LEU C 33 7.55 13.59 15.77
N LYS C 34 7.45 14.46 14.77
CA LYS C 34 7.30 15.88 15.01
C LYS C 34 6.30 16.45 14.04
N VAL C 35 5.52 17.41 14.52
CA VAL C 35 4.49 18.06 13.75
C VAL C 35 4.93 19.50 13.55
N SER C 36 4.92 19.95 12.31
CA SER C 36 5.29 21.32 11.97
C SER C 36 4.14 21.94 11.21
N GLN C 37 4.03 23.26 11.34
CA GLN C 37 3.00 24.02 10.67
C GLN C 37 3.70 24.98 9.71
N LYS C 38 3.22 25.07 8.48
CA LYS C 38 3.82 25.91 7.47
C LYS C 38 3.54 27.38 7.82
N THR C 39 4.58 28.21 7.80
CA THR C 39 4.44 29.63 8.09
C THR C 39 4.16 30.44 6.82
N ALA C 40 3.80 31.72 6.98
CA ALA C 40 3.46 32.57 5.85
C ALA C 40 4.56 32.67 4.80
N ASP C 41 5.82 32.68 5.22
CA ASP C 41 6.94 32.83 4.27
C ASP C 41 7.40 31.51 3.65
N GLY C 42 6.63 30.43 3.85
CA GLY C 42 6.98 29.15 3.29
C GLY C 42 7.89 28.32 4.17
N GLY C 43 8.12 28.78 5.40
CA GLY C 43 8.96 28.04 6.34
C GLY C 43 8.11 27.13 7.23
N TRP C 44 8.74 26.53 8.24
CA TRP C 44 8.06 25.62 9.16
C TRP C 44 8.23 26.03 10.60
N THR C 45 7.18 25.86 11.39
CA THR C 45 7.30 26.05 12.82
C THR C 45 6.89 24.74 13.50
N GLN C 46 7.65 24.33 14.51
CA GLN C 46 7.36 23.08 15.21
C GLN C 46 6.24 23.32 16.22
N ILE C 47 5.18 22.51 16.18
CA ILE C 47 4.09 22.70 17.13
C ILE C 47 3.99 21.59 18.17
N ALA C 48 4.58 20.43 17.89
CA ALA C 48 4.59 19.34 18.85
C ALA C 48 5.54 18.23 18.43
N THR C 49 5.95 17.43 19.40
CA THR C 49 6.74 16.25 19.12
C THR C 49 6.16 15.14 19.98
N GLY C 50 6.55 13.90 19.72
CA GLY C 50 6.02 12.78 20.48
C GLY C 50 6.62 11.47 20.02
N VAL C 51 6.23 10.39 20.68
CA VAL C 51 6.70 9.06 20.38
C VAL C 51 5.47 8.16 20.47
N THR C 52 5.25 7.27 19.51
CA THR C 52 4.08 6.39 19.58
C THR C 52 4.18 5.49 20.79
N ASP C 53 3.02 5.15 21.36
CA ASP C 53 2.98 4.18 22.43
C ASP C 53 3.00 2.80 21.74
N ALA C 54 2.77 1.73 22.51
CA ALA C 54 2.84 0.38 21.97
C ALA C 54 1.73 0.08 20.96
N THR C 55 0.66 0.89 20.95
CA THR C 55 -0.44 0.68 20.02
C THR C 55 -0.20 1.49 18.74
N GLY C 56 1.01 2.03 18.59
CA GLY C 56 1.38 2.82 17.41
C GLY C 56 0.60 4.13 17.31
N GLU C 57 0.11 4.62 18.44
CA GLU C 57 -0.66 5.86 18.51
C GLU C 57 0.04 6.91 19.41
N ILE C 58 -0.37 8.17 19.31
CA ILE C 58 0.09 9.21 20.24
C ILE C 58 -1.15 9.95 20.72
N HIS C 59 -1.39 9.96 22.02
CA HIS C 59 -2.58 10.63 22.53
C HIS C 59 -2.30 12.04 22.98
N ASN C 60 -3.26 12.93 22.75
CA ASN C 60 -3.13 14.34 23.09
C ASN C 60 -1.87 14.93 22.45
N LEU C 61 -1.72 14.68 21.16
CA LEU C 61 -0.58 15.17 20.40
C LEU C 61 -0.60 16.70 20.33
N ILE C 62 -1.75 17.24 19.93
CA ILE C 62 -1.97 18.67 19.91
C ILE C 62 -3.42 18.89 20.34
N THR C 63 -3.78 20.14 20.56
CA THR C 63 -5.16 20.47 20.90
C THR C 63 -5.79 21.18 19.71
N GLU C 64 -7.11 21.36 19.80
CA GLU C 64 -7.89 21.99 18.75
C GLU C 64 -7.35 23.37 18.37
N GLN C 65 -7.08 24.21 19.35
CA GLN C 65 -6.63 25.58 19.09
C GLN C 65 -5.25 25.59 18.46
N GLN C 66 -4.50 24.53 18.68
CA GLN C 66 -3.14 24.42 18.19
C GLN C 66 -3.13 23.89 16.77
N PHE C 67 -4.31 23.58 16.24
CA PHE C 67 -4.44 22.95 14.93
C PHE C 67 -5.43 23.69 14.03
N PRO C 68 -5.15 24.93 13.68
CA PRO C 68 -6.02 25.67 12.77
C PRO C 68 -5.72 25.33 11.32
N ALA C 69 -6.61 25.70 10.42
CA ALA C 69 -6.42 25.42 9.00
C ALA C 69 -5.01 25.81 8.56
N GLY C 70 -4.46 25.07 7.61
CA GLY C 70 -3.13 25.38 7.10
C GLY C 70 -2.40 24.12 6.66
N VAL C 71 -1.19 24.30 6.16
CA VAL C 71 -0.40 23.18 5.70
C VAL C 71 0.47 22.68 6.85
N TYR C 72 0.44 21.35 7.05
CA TYR C 72 1.19 20.73 8.14
C TYR C 72 2.10 19.64 7.60
N ARG C 73 3.17 19.41 8.33
CA ARG C 73 4.13 18.38 8.02
C ARG C 73 4.33 17.55 9.29
N VAL C 74 4.17 16.24 9.16
CA VAL C 74 4.44 15.33 10.23
C VAL C 74 5.59 14.45 9.76
N GLU C 75 6.67 14.46 10.51
CA GLU C 75 7.87 13.70 10.19
C GLU C 75 7.96 12.54 11.14
N PHE C 76 8.15 11.34 10.61
CA PHE C 76 8.20 10.12 11.41
C PHE C 76 9.62 9.57 11.30
N ASP C 77 10.24 9.27 12.42
CA ASP C 77 11.60 8.76 12.38
C ASP C 77 11.56 7.26 12.16
N THR C 78 11.28 6.86 10.92
CA THR C 78 11.14 5.44 10.59
C THR C 78 12.51 4.76 10.51
N LYS C 79 13.55 5.52 10.15
CA LYS C 79 14.90 4.96 10.07
C LYS C 79 15.36 4.41 11.43
N ALA C 80 15.09 5.16 12.49
CA ALA C 80 15.47 4.74 13.83
C ALA C 80 14.64 3.53 14.23
N TYR C 81 13.38 3.50 13.76
CA TYR C 81 12.49 2.39 14.10
C TYR C 81 13.04 1.07 13.54
N TRP C 82 13.36 1.05 12.26
CA TRP C 82 13.89 -0.16 11.63
C TRP C 82 15.26 -0.54 12.17
N THR C 83 16.09 0.47 12.43
CA THR C 83 17.42 0.23 12.98
C THR C 83 17.29 -0.53 14.28
N ASN C 84 16.43 -0.02 15.17
CA ASN C 84 16.20 -0.66 16.46
C ASN C 84 15.64 -2.08 16.30
N GLN C 85 14.79 -2.28 15.30
CA GLN C 85 14.23 -3.61 15.02
C GLN C 85 15.24 -4.56 14.37
N GLY C 86 16.39 -4.05 13.94
CA GLY C 86 17.43 -4.86 13.31
C GLY C 86 17.42 -4.90 11.79
N SER C 87 16.60 -4.09 11.13
CA SER C 87 16.54 -4.08 9.68
C SER C 87 17.22 -2.82 9.19
N THR C 88 17.78 -2.86 7.99
CA THR C 88 18.36 -1.64 7.44
C THR C 88 17.31 -1.17 6.44
N PRO C 89 16.77 0.03 6.66
CA PRO C 89 15.71 0.54 5.79
C PRO C 89 16.18 1.43 4.67
N PHE C 90 15.27 1.73 3.78
CA PHE C 90 15.56 2.57 2.65
C PHE C 90 15.44 4.06 2.99
N HIS C 91 14.32 4.44 3.60
CA HIS C 91 14.02 5.86 3.84
C HIS C 91 14.74 6.42 5.05
N GLU C 92 15.16 7.68 4.94
CA GLU C 92 15.84 8.39 6.00
C GLU C 92 14.82 8.88 7.02
N VAL C 93 13.58 9.05 6.55
CA VAL C 93 12.47 9.57 7.35
C VAL C 93 11.21 9.34 6.51
N ALA C 94 10.04 9.42 7.13
CA ALA C 94 8.79 9.39 6.39
C ALA C 94 8.08 10.72 6.66
N GLU C 95 7.86 11.54 5.63
CA GLU C 95 7.19 12.83 5.80
C GLU C 95 5.80 12.86 5.19
N VAL C 96 4.86 13.40 5.96
CA VAL C 96 3.47 13.51 5.55
C VAL C 96 3.12 14.98 5.58
N VAL C 97 2.97 15.57 4.39
CA VAL C 97 2.70 16.98 4.23
C VAL C 97 1.33 17.13 3.62
N PHE C 98 0.46 17.90 4.27
CA PHE C 98 -0.94 17.98 3.87
C PHE C 98 -1.60 19.27 4.30
N ASP C 99 -2.74 19.57 3.67
CA ASP C 99 -3.55 20.72 4.04
C ASP C 99 -4.60 20.21 5.04
N ALA C 100 -4.77 20.92 6.13
CA ALA C 100 -5.73 20.52 7.14
C ALA C 100 -6.82 21.56 7.25
N HIS C 101 -8.07 21.10 7.34
CA HIS C 101 -9.22 21.96 7.51
C HIS C 101 -10.04 21.43 8.69
N PRO C 102 -9.55 21.68 9.91
CA PRO C 102 -10.17 21.16 11.13
C PRO C 102 -11.36 21.95 11.62
N GLU C 103 -12.03 22.67 10.73
CA GLU C 103 -13.18 23.46 11.12
C GLU C 103 -14.36 22.51 11.25
N GLY C 104 -14.98 22.51 12.43
CA GLY C 104 -16.10 21.63 12.72
C GLY C 104 -15.64 20.57 13.70
N HIS C 105 -16.01 19.32 13.45
CA HIS C 105 -15.60 18.20 14.29
C HIS C 105 -14.44 17.47 13.62
N ARG C 106 -14.00 18.00 12.48
CA ARG C 106 -13.00 17.33 11.64
C ARG C 106 -11.75 16.84 12.39
N HIS C 107 -11.65 15.52 12.54
CA HIS C 107 -10.48 14.89 13.14
C HIS C 107 -9.68 14.21 12.04
N TYR C 108 -8.37 14.24 12.16
CA TYR C 108 -7.47 13.63 11.18
C TYR C 108 -6.70 12.47 11.78
N THR C 109 -6.72 11.33 11.10
CA THR C 109 -5.86 10.22 11.48
C THR C 109 -4.87 9.95 10.36
N LEU C 110 -3.60 9.98 10.69
CA LEU C 110 -2.54 9.68 9.74
C LEU C 110 -2.22 8.20 9.93
N ALA C 111 -2.65 7.38 9.00
CA ALA C 111 -2.37 5.97 9.04
C ALA C 111 -1.08 5.71 8.27
N LEU C 112 -0.14 5.04 8.91
CA LEU C 112 1.15 4.81 8.30
C LEU C 112 1.45 3.31 8.38
N LEU C 113 1.82 2.74 7.24
CA LEU C 113 2.08 1.31 7.12
C LEU C 113 3.53 1.14 6.76
N LEU C 114 4.30 0.51 7.62
CA LEU C 114 5.74 0.46 7.40
C LEU C 114 6.36 -0.88 7.06
N SER C 115 7.23 -0.87 6.05
CA SER C 115 8.15 -1.95 5.75
C SER C 115 9.54 -1.33 5.51
N PRO C 116 10.61 -2.10 5.64
CA PRO C 116 11.97 -1.55 5.48
C PRO C 116 12.19 -0.80 4.17
N PHE C 117 11.62 -1.28 3.06
CA PHE C 117 11.81 -0.60 1.79
C PHE C 117 10.55 0.01 1.18
N SER C 118 9.54 0.24 2.02
CA SER C 118 8.28 0.77 1.54
C SER C 118 7.42 1.29 2.67
N TYR C 119 6.69 2.37 2.43
CA TYR C 119 5.65 2.77 3.37
C TYR C 119 4.45 3.34 2.64
N THR C 120 3.30 3.26 3.30
CA THR C 120 2.05 3.81 2.80
C THR C 120 1.51 4.82 3.77
N THR C 121 1.26 6.03 3.27
CA THR C 121 0.69 7.10 4.06
C THR C 121 -0.74 7.35 3.57
N THR C 122 -1.68 7.19 4.49
CA THR C 122 -3.09 7.38 4.22
C THR C 122 -3.65 8.29 5.29
N ALA C 123 -4.73 8.99 4.97
CA ALA C 123 -5.39 9.85 5.94
C ALA C 123 -6.84 9.47 6.03
N VAL C 124 -7.36 9.47 7.24
CA VAL C 124 -8.78 9.27 7.47
C VAL C 124 -9.25 10.58 8.09
N VAL C 125 -10.21 11.23 7.44
CA VAL C 125 -10.67 12.53 7.88
C VAL C 125 -12.14 12.48 8.24
N SER C 126 -12.44 12.45 9.53
CA SER C 126 -13.83 12.42 10.00
C SER C 126 -14.54 13.70 9.58
N SER C 127 -15.79 13.58 9.15
CA SER C 127 -16.53 14.75 8.73
C SER C 127 -17.01 15.53 9.97
N VAL C 128 -17.92 16.46 9.77
CA VAL C 128 -18.41 17.32 10.85
C VAL C 128 -19.83 16.95 11.26
N CYS D 13 21.16 5.82 -16.18
CA CYS D 13 19.94 6.10 -15.36
C CYS D 13 19.96 5.40 -14.02
N PRO D 14 20.75 5.92 -13.08
CA PRO D 14 20.87 5.35 -11.75
C PRO D 14 19.64 5.60 -10.91
N LEU D 15 18.85 6.59 -11.31
CA LEU D 15 17.66 6.98 -10.58
C LEU D 15 16.44 6.96 -11.49
N MET D 16 15.60 5.96 -11.31
CA MET D 16 14.38 5.85 -12.08
C MET D 16 13.17 6.01 -11.18
N VAL D 17 12.05 6.37 -11.78
CA VAL D 17 10.79 6.47 -11.05
C VAL D 17 9.74 5.67 -11.82
N LYS D 18 8.71 5.21 -11.10
CA LYS D 18 7.58 4.57 -11.73
C LYS D 18 6.36 4.92 -10.91
N ILE D 19 5.54 5.82 -11.46
CA ILE D 19 4.38 6.31 -10.75
C ILE D 19 3.12 5.71 -11.35
N LEU D 20 2.30 5.10 -10.50
CA LEU D 20 1.03 4.52 -10.92
C LEU D 20 -0.14 5.24 -10.25
N ASP D 21 -1.25 5.33 -10.97
CA ASP D 21 -2.50 5.91 -10.50
C ASP D 21 -3.36 4.74 -10.07
N ALA D 22 -3.63 4.64 -8.77
CA ALA D 22 -4.39 3.52 -8.22
C ALA D 22 -5.89 3.66 -8.45
N VAL D 23 -6.33 4.84 -8.88
CA VAL D 23 -7.73 5.02 -9.21
C VAL D 23 -7.98 4.56 -10.65
N LYS D 24 -7.17 5.02 -11.58
CA LYS D 24 -7.34 4.71 -13.00
C LYS D 24 -6.70 3.42 -13.45
N GLY D 25 -5.72 2.92 -12.71
CA GLY D 25 -5.03 1.72 -13.14
C GLY D 25 -4.17 1.95 -14.36
N THR D 26 -3.56 3.10 -14.41
CA THR D 26 -2.62 3.39 -15.46
C THR D 26 -1.46 4.10 -14.78
N PRO D 27 -0.35 4.23 -15.46
CA PRO D 27 0.73 5.04 -14.92
C PRO D 27 0.28 6.50 -14.81
N ALA D 28 0.90 7.25 -13.91
CA ALA D 28 0.53 8.65 -13.67
C ALA D 28 1.37 9.55 -14.57
N GLY D 29 0.76 10.05 -15.64
CA GLY D 29 1.47 10.89 -16.58
C GLY D 29 1.49 12.35 -16.17
N SER D 30 2.51 13.05 -16.61
CA SER D 30 2.68 14.48 -16.34
C SER D 30 2.81 14.87 -14.87
N VAL D 31 3.43 14.02 -14.05
CA VAL D 31 3.64 14.33 -12.65
C VAL D 31 4.98 15.04 -12.52
N ALA D 32 4.96 16.25 -11.97
CA ALA D 32 6.18 17.03 -11.85
C ALA D 32 6.96 16.56 -10.64
N LEU D 33 8.28 16.42 -10.79
CA LEU D 33 9.15 16.04 -9.69
C LEU D 33 10.49 16.79 -9.74
N LYS D 34 11.18 16.77 -8.61
CA LYS D 34 12.48 17.39 -8.48
C LYS D 34 13.35 16.54 -7.54
N VAL D 35 14.63 16.46 -7.89
CA VAL D 35 15.58 15.69 -7.12
C VAL D 35 16.55 16.64 -6.42
N SER D 36 16.66 16.53 -5.10
CA SER D 36 17.59 17.38 -4.36
C SER D 36 18.61 16.52 -3.65
N GLN D 37 19.80 17.09 -3.44
CA GLN D 37 20.87 16.40 -2.75
C GLN D 37 21.18 17.15 -1.46
N LYS D 38 21.34 16.43 -0.34
CA LYS D 38 21.62 17.09 0.93
C LYS D 38 23.06 17.63 0.90
N THR D 39 23.26 18.86 1.36
CA THR D 39 24.59 19.45 1.35
C THR D 39 25.28 19.34 2.69
N ALA D 40 26.56 19.67 2.72
CA ALA D 40 27.34 19.60 3.96
C ALA D 40 26.67 20.30 5.16
N ASP D 41 26.08 21.47 4.94
CA ASP D 41 25.46 22.19 6.06
C ASP D 41 24.06 21.69 6.44
N GLY D 42 23.58 20.63 5.79
CA GLY D 42 22.27 20.07 6.11
C GLY D 42 21.14 20.53 5.20
N GLY D 43 21.42 21.48 4.32
CA GLY D 43 20.44 22.00 3.39
C GLY D 43 20.29 21.14 2.15
N TRP D 44 19.42 21.58 1.26
CA TRP D 44 19.14 20.84 0.05
C TRP D 44 19.54 21.63 -1.18
N THR D 45 20.18 20.95 -2.13
CA THR D 45 20.46 21.56 -3.41
C THR D 45 19.82 20.75 -4.53
N GLN D 46 19.01 21.42 -5.35
CA GLN D 46 18.30 20.78 -6.43
C GLN D 46 19.25 20.42 -7.55
N ILE D 47 19.21 19.17 -8.02
CA ILE D 47 20.11 18.72 -9.07
C ILE D 47 19.38 18.32 -10.36
N ALA D 48 18.06 18.23 -10.30
CA ALA D 48 17.29 17.91 -11.50
C ALA D 48 15.81 18.07 -11.25
N THR D 49 15.07 18.26 -12.33
CA THR D 49 13.61 18.26 -12.29
C THR D 49 13.16 17.50 -13.52
N GLY D 50 11.88 17.17 -13.56
CA GLY D 50 11.35 16.46 -14.70
C GLY D 50 9.86 16.30 -14.53
N VAL D 51 9.26 15.71 -15.54
CA VAL D 51 7.83 15.47 -15.56
C VAL D 51 7.65 14.08 -16.15
N THR D 52 6.85 13.23 -15.51
CA THR D 52 6.68 11.87 -16.01
C THR D 52 5.98 11.83 -17.34
N ASP D 53 6.42 10.89 -18.16
CA ASP D 53 5.80 10.62 -19.44
C ASP D 53 4.58 9.73 -19.16
N ALA D 54 3.91 9.28 -20.23
CA ALA D 54 2.67 8.52 -20.11
C ALA D 54 2.83 7.16 -19.46
N THR D 55 4.07 6.70 -19.34
CA THR D 55 4.33 5.42 -18.70
C THR D 55 4.72 5.64 -17.25
N GLY D 56 4.59 6.89 -16.79
CA GLY D 56 4.85 7.24 -15.40
C GLY D 56 6.31 7.18 -15.03
N GLU D 57 7.17 7.29 -16.04
CA GLU D 57 8.61 7.25 -15.86
C GLU D 57 9.26 8.57 -16.31
N ILE D 58 10.52 8.76 -15.94
CA ILE D 58 11.31 9.87 -16.43
C ILE D 58 12.65 9.32 -16.88
N HIS D 59 12.94 9.43 -18.16
CA HIS D 59 14.20 8.89 -18.66
C HIS D 59 15.31 9.90 -18.56
N ASN D 60 16.50 9.42 -18.20
CA ASN D 60 17.67 10.28 -18.09
C ASN D 60 17.43 11.47 -17.17
N LEU D 61 16.87 11.16 -16.00
CA LEU D 61 16.63 12.14 -14.97
C LEU D 61 17.95 12.80 -14.58
N ILE D 62 18.91 11.96 -14.16
CA ILE D 62 20.25 12.39 -13.79
C ILE D 62 21.26 11.36 -14.29
N THR D 63 22.54 11.73 -14.32
CA THR D 63 23.58 10.82 -14.73
C THR D 63 24.32 10.28 -13.51
N GLU D 64 25.09 9.21 -13.69
CA GLU D 64 25.85 8.64 -12.60
C GLU D 64 26.76 9.71 -11.98
N GLN D 65 27.24 10.63 -12.82
CA GLN D 65 28.11 11.70 -12.38
C GLN D 65 27.41 12.58 -11.37
N GLN D 66 26.12 12.80 -11.59
CA GLN D 66 25.34 13.66 -10.72
C GLN D 66 24.84 12.95 -9.48
N PHE D 67 25.09 11.64 -9.40
CA PHE D 67 24.49 10.83 -8.34
C PHE D 67 25.50 10.13 -7.44
N PRO D 68 26.34 10.88 -6.75
CA PRO D 68 27.30 10.29 -5.81
C PRO D 68 26.64 9.83 -4.54
N ALA D 69 27.36 9.05 -3.74
CA ALA D 69 26.85 8.61 -2.47
C ALA D 69 26.38 9.84 -1.71
N GLY D 70 25.30 9.70 -0.95
CA GLY D 70 24.76 10.81 -0.18
C GLY D 70 23.28 10.66 0.08
N VAL D 71 22.69 11.69 0.69
CA VAL D 71 21.27 11.70 1.00
C VAL D 71 20.52 12.50 -0.04
N TYR D 72 19.43 11.93 -0.54
CA TYR D 72 18.64 12.55 -1.58
C TYR D 72 17.18 12.67 -1.19
N ARG D 73 16.52 13.63 -1.83
CA ARG D 73 15.12 13.91 -1.63
C ARG D 73 14.48 14.00 -3.02
N VAL D 74 13.48 13.18 -3.25
CA VAL D 74 12.73 13.27 -4.48
C VAL D 74 11.35 13.73 -4.06
N GLU D 75 10.94 14.88 -4.59
CA GLU D 75 9.66 15.45 -4.27
C GLU D 75 8.74 15.41 -5.49
N PHE D 76 7.55 14.82 -5.36
CA PHE D 76 6.61 14.67 -6.46
C PHE D 76 5.41 15.59 -6.25
N ASP D 77 5.06 16.39 -7.25
CA ASP D 77 3.89 17.26 -7.15
C ASP D 77 2.59 16.48 -7.38
N THR D 78 2.18 15.71 -6.38
CA THR D 78 0.97 14.90 -6.48
C THR D 78 -0.28 15.75 -6.39
N LYS D 79 -0.24 16.82 -5.61
CA LYS D 79 -1.40 17.72 -5.53
C LYS D 79 -1.87 18.21 -6.92
N ALA D 80 -0.92 18.71 -7.71
CA ALA D 80 -1.22 19.20 -9.06
C ALA D 80 -1.81 18.07 -9.91
N TYR D 81 -1.24 16.88 -9.76
CA TYR D 81 -1.72 15.73 -10.50
C TYR D 81 -3.18 15.44 -10.21
N TRP D 82 -3.58 15.44 -8.94
CA TRP D 82 -4.96 15.12 -8.60
C TRP D 82 -5.89 16.26 -8.97
N THR D 83 -5.42 17.49 -8.72
CA THR D 83 -6.18 18.69 -9.10
C THR D 83 -6.50 18.67 -10.59
N ASN D 84 -5.53 18.26 -11.40
CA ASN D 84 -5.72 18.19 -12.84
C ASN D 84 -6.70 17.07 -13.20
N GLN D 85 -6.64 15.98 -12.44
CA GLN D 85 -7.54 14.84 -12.60
C GLN D 85 -8.95 15.15 -12.12
N GLY D 86 -9.12 16.26 -11.41
CA GLY D 86 -10.42 16.67 -10.91
C GLY D 86 -10.75 16.25 -9.48
N SER D 87 -9.76 15.74 -8.73
CA SER D 87 -9.97 15.29 -7.35
C SER D 87 -9.32 16.21 -6.32
N THR D 88 -9.84 16.22 -5.10
CA THR D 88 -9.19 17.00 -4.05
C THR D 88 -8.40 15.96 -3.30
N PRO D 89 -7.09 16.13 -3.25
CA PRO D 89 -6.23 15.18 -2.56
C PRO D 89 -5.86 15.60 -1.15
N PHE D 90 -5.28 14.68 -0.42
CA PHE D 90 -4.85 14.94 0.94
C PHE D 90 -3.49 15.63 0.98
N HIS D 91 -2.52 15.04 0.31
CA HIS D 91 -1.13 15.46 0.41
C HIS D 91 -0.80 16.66 -0.45
N GLU D 92 0.06 17.52 0.07
CA GLU D 92 0.53 18.65 -0.70
C GLU D 92 1.53 18.19 -1.72
N VAL D 93 2.22 17.11 -1.40
CA VAL D 93 3.31 16.66 -2.21
C VAL D 93 3.66 15.28 -1.67
N ALA D 94 4.42 14.51 -2.44
CA ALA D 94 4.93 13.22 -2.00
C ALA D 94 6.44 13.37 -1.89
N GLU D 95 6.97 13.03 -0.73
CA GLU D 95 8.39 13.17 -0.46
C GLU D 95 9.10 11.85 -0.23
N VAL D 96 10.16 11.59 -0.99
CA VAL D 96 10.95 10.38 -0.79
C VAL D 96 12.39 10.75 -0.46
N VAL D 97 12.78 10.47 0.78
CA VAL D 97 14.11 10.85 1.27
C VAL D 97 14.90 9.59 1.61
N PHE D 98 16.10 9.46 1.06
CA PHE D 98 16.89 8.24 1.19
C PHE D 98 18.39 8.44 1.01
N ASP D 99 19.16 7.57 1.64
CA ASP D 99 20.61 7.61 1.51
C ASP D 99 20.92 6.74 0.31
N ALA D 100 21.63 7.30 -0.66
CA ALA D 100 21.98 6.52 -1.84
C ALA D 100 23.41 6.02 -1.73
N HIS D 101 23.62 4.80 -2.23
CA HIS D 101 24.96 4.23 -2.35
C HIS D 101 25.06 3.66 -3.76
N PRO D 102 25.09 4.53 -4.75
CA PRO D 102 25.08 4.12 -6.16
C PRO D 102 26.44 3.66 -6.67
N GLU D 103 27.47 3.93 -5.89
CA GLU D 103 28.82 3.53 -6.25
C GLU D 103 28.74 2.07 -6.67
N GLY D 104 29.11 1.77 -7.91
CA GLY D 104 29.09 0.41 -8.41
C GLY D 104 27.91 0.04 -9.29
N HIS D 105 27.37 1.02 -10.00
CA HIS D 105 26.26 0.82 -10.92
C HIS D 105 25.00 0.33 -10.25
N ARG D 106 24.78 0.82 -9.02
CA ARG D 106 23.58 0.51 -8.25
C ARG D 106 22.45 1.38 -8.78
N HIS D 107 21.41 0.76 -9.33
CA HIS D 107 20.26 1.49 -9.84
C HIS D 107 19.22 1.64 -8.75
N TYR D 108 18.49 2.74 -8.77
CA TYR D 108 17.42 2.97 -7.81
C TYR D 108 16.15 3.24 -8.59
N THR D 109 15.09 2.49 -8.28
CA THR D 109 13.78 2.78 -8.86
C THR D 109 12.83 3.13 -7.71
N LEU D 110 12.33 4.35 -7.74
CA LEU D 110 11.38 4.84 -6.77
C LEU D 110 9.97 4.56 -7.32
N ALA D 111 9.31 3.56 -6.78
CA ALA D 111 7.96 3.22 -7.20
C ALA D 111 6.99 3.94 -6.30
N LEU D 112 5.99 4.55 -6.92
CA LEU D 112 5.04 5.36 -6.20
C LEU D 112 3.62 5.06 -6.69
N LEU D 113 2.77 4.67 -5.77
CA LEU D 113 1.40 4.33 -6.05
C LEU D 113 0.48 5.41 -5.46
N LEU D 114 -0.31 6.05 -6.30
CA LEU D 114 -1.09 7.21 -5.88
C LEU D 114 -2.59 7.03 -5.85
N SER D 115 -3.18 7.49 -4.74
CA SER D 115 -4.62 7.69 -4.58
C SER D 115 -4.79 9.09 -3.99
N PRO D 116 -5.95 9.70 -4.16
CA PRO D 116 -6.17 11.05 -3.62
C PRO D 116 -5.85 11.15 -2.13
N PHE D 117 -6.21 10.14 -1.34
CA PHE D 117 -5.91 10.20 0.10
C PHE D 117 -4.89 9.20 0.62
N SER D 118 -4.05 8.67 -0.25
CA SER D 118 -3.01 7.72 0.15
C SER D 118 -1.96 7.59 -0.93
N TYR D 119 -0.71 7.40 -0.54
CA TYR D 119 0.31 6.99 -1.50
C TYR D 119 1.24 5.98 -0.84
N THR D 120 1.82 5.13 -1.68
CA THR D 120 2.80 4.15 -1.23
C THR D 120 4.09 4.46 -1.96
N THR D 121 5.19 4.57 -1.22
CA THR D 121 6.50 4.75 -1.80
C THR D 121 7.34 3.54 -1.45
N THR D 122 7.86 2.89 -2.49
CA THR D 122 8.66 1.69 -2.35
C THR D 122 9.92 1.92 -3.15
N ALA D 123 10.97 1.20 -2.80
CA ALA D 123 12.21 1.30 -3.52
C ALA D 123 12.65 -0.06 -3.98
N VAL D 124 13.17 -0.12 -5.20
CA VAL D 124 13.75 -1.33 -5.73
C VAL D 124 15.19 -0.95 -6.03
N VAL D 125 16.13 -1.55 -5.30
CA VAL D 125 17.55 -1.24 -5.42
C VAL D 125 18.24 -2.38 -6.13
N SER D 126 18.57 -2.15 -7.39
CA SER D 126 19.16 -3.19 -8.23
C SER D 126 20.67 -3.05 -8.25
#